data_7CFH
#
_entry.id   7CFH
#
_cell.length_a   89.520
_cell.length_b   61.310
_cell.length_c   81.830
_cell.angle_alpha   90.00
_cell.angle_beta   92.41
_cell.angle_gamma   90.00
#
_symmetry.space_group_name_H-M   'C 1 2 1'
#
loop_
_entity.id
_entity.type
_entity.pdbx_description
1 polymer Hemolysin
2 non-polymer GLYCEROL
3 non-polymer '4-(2-HYDROXYETHYL)-1-PIPERAZINE ETHANESULFONIC ACID'
4 water water
#
_entity_poly.entity_id   1
_entity_poly.type   'polypeptide(L)'
_entity_poly.pdbx_seq_one_letter_code
;TPLVSEEELKLILAGAEESGAIQPQEEEMIHSILELEETPVREIMTPRVEMVAIEDEATLEDLLALYREHRASRVPVYRE
SVDHIVGVAYAKDLLDYYCEEDLKGRTVASITHPPYFVPENMDAWSLLKELRRRKVHMAIVVDEFGGTAGLVTLEDVIEE
IVGEIYDET
;
_entity_poly.pdbx_strand_id   A,B
#
loop_
_chem_comp.id
_chem_comp.type
_chem_comp.name
_chem_comp.formula
EPE non-polymer '4-(2-HYDROXYETHYL)-1-PIPERAZINE ETHANESULFONIC ACID' 'C8 H18 N2 O4 S'
GOL non-polymer GLYCEROL 'C3 H8 O3'
#
# COMPACT_ATOMS: atom_id res chain seq x y z
N LEU A 3 -4.11 35.22 5.99
CA LEU A 3 -5.47 34.74 5.74
C LEU A 3 -5.74 34.65 4.23
N VAL A 4 -5.83 33.42 3.73
CA VAL A 4 -5.93 33.14 2.30
C VAL A 4 -7.26 32.43 2.04
N SER A 5 -7.98 32.86 1.01
CA SER A 5 -9.23 32.20 0.68
C SER A 5 -9.00 31.05 -0.31
N GLU A 6 -9.96 30.14 -0.30
CA GLU A 6 -9.91 28.97 -1.17
C GLU A 6 -9.83 29.33 -2.64
N GLU A 7 -10.43 30.46 -3.03
CA GLU A 7 -10.30 30.94 -4.39
C GLU A 7 -8.86 31.33 -4.71
N GLU A 8 -8.21 32.03 -3.76
CA GLU A 8 -6.82 32.41 -3.96
C GLU A 8 -5.91 31.19 -4.02
N LEU A 9 -6.17 30.18 -3.18
CA LEU A 9 -5.27 29.02 -3.17
C LEU A 9 -5.23 28.35 -4.53
N LYS A 10 -6.39 28.21 -5.19
CA LYS A 10 -6.42 27.60 -6.52
C LYS A 10 -5.69 28.47 -7.55
N LEU A 11 -5.88 29.79 -7.51
CA LEU A 11 -5.08 30.66 -8.37
C LEU A 11 -3.59 30.57 -8.06
N ILE A 12 -3.22 30.39 -6.78
CA ILE A 12 -1.80 30.40 -6.46
C ILE A 12 -1.11 29.15 -7.00
N LEU A 13 -1.72 27.96 -6.80
CA LEU A 13 -1.20 26.74 -7.40
C LEU A 13 -1.09 26.85 -8.92
N ALA A 14 -2.06 27.47 -9.57
CA ALA A 14 -1.94 27.73 -11.00
C ALA A 14 -0.76 28.63 -11.29
N GLY A 15 -0.65 29.75 -10.57
CA GLY A 15 0.48 30.62 -10.75
C GLY A 15 1.80 29.90 -10.51
N ALA A 16 1.84 29.01 -9.51
CA ALA A 16 3.06 28.28 -9.18
C ALA A 16 3.54 27.39 -10.34
N GLU A 17 2.62 26.67 -11.01
CA GLU A 17 3.03 25.88 -12.17
C GLU A 17 3.58 26.78 -13.27
N GLU A 18 2.90 27.89 -13.54
CA GLU A 18 3.27 28.78 -14.63
C GLU A 18 4.54 29.57 -14.33
N SER A 19 4.89 29.72 -13.05
CA SER A 19 6.14 30.37 -12.66
C SER A 19 7.31 29.41 -12.65
N GLY A 20 7.08 28.13 -12.92
CA GLY A 20 8.14 27.17 -12.79
C GLY A 20 8.39 26.66 -11.38
N ALA A 21 7.54 27.01 -10.41
CA ALA A 21 7.77 26.58 -9.03
C ALA A 21 7.62 25.07 -8.89
N ILE A 22 6.61 24.50 -9.55
CA ILE A 22 6.30 23.08 -9.47
C ILE A 22 6.02 22.58 -10.89
N GLN A 23 6.38 21.33 -11.14
CA GLN A 23 6.14 20.72 -12.44
C GLN A 23 4.71 20.19 -12.53
N PRO A 24 4.20 19.98 -13.76
CA PRO A 24 2.77 19.61 -13.89
C PRO A 24 2.37 18.35 -13.13
N GLN A 25 3.22 17.31 -13.07
CA GLN A 25 2.81 16.12 -12.32
C GLN A 25 2.63 16.43 -10.85
N GLU A 26 3.55 17.21 -10.29
CA GLU A 26 3.42 17.62 -8.91
C GLU A 26 2.10 18.36 -8.69
N GLU A 27 1.77 19.29 -9.58
CA GLU A 27 0.55 20.04 -9.39
C GLU A 27 -0.69 19.17 -9.63
N GLU A 28 -0.58 18.17 -10.50
CA GLU A 28 -1.67 17.20 -10.63
C GLU A 28 -1.88 16.45 -9.32
N MET A 29 -0.79 16.05 -8.66
CA MET A 29 -0.94 15.39 -7.36
C MET A 29 -1.60 16.30 -6.34
N ILE A 30 -1.22 17.58 -6.34
CA ILE A 30 -1.80 18.49 -5.35
C ILE A 30 -3.27 18.71 -5.66
N HIS A 31 -3.63 18.80 -6.93
CA HIS A 31 -5.04 18.95 -7.29
C HIS A 31 -5.84 17.75 -6.82
N SER A 32 -5.28 16.55 -7.00
CA SER A 32 -5.97 15.33 -6.57
C SER A 32 -6.22 15.35 -5.08
N ILE A 33 -5.25 15.80 -4.28
CA ILE A 33 -5.44 15.93 -2.84
C ILE A 33 -6.65 16.80 -2.55
N LEU A 34 -6.74 17.93 -3.24
CA LEU A 34 -7.82 18.87 -2.96
C LEU A 34 -9.15 18.36 -3.49
N GLU A 35 -9.14 17.46 -4.49
CA GLU A 35 -10.32 16.82 -5.06
C GLU A 35 -10.81 15.62 -4.25
N LEU A 36 -10.03 15.10 -3.31
CA LEU A 36 -10.48 13.91 -2.59
C LEU A 36 -11.82 14.14 -1.91
N GLU A 37 -12.01 15.30 -1.30
CA GLU A 37 -13.31 15.49 -0.65
C GLU A 37 -14.47 15.59 -1.62
N GLU A 38 -14.21 15.67 -2.92
CA GLU A 38 -15.30 15.73 -3.89
C GLU A 38 -15.41 14.44 -4.68
N THR A 39 -14.71 13.39 -4.27
CA THR A 39 -14.79 12.12 -4.96
C THR A 39 -15.60 11.12 -4.15
N PRO A 40 -16.74 10.63 -4.62
CA PRO A 40 -17.48 9.60 -3.86
C PRO A 40 -16.84 8.23 -4.02
N VAL A 41 -16.87 7.45 -2.93
CA VAL A 41 -16.25 6.12 -2.99
C VAL A 41 -16.87 5.28 -4.10
N ARG A 42 -18.12 5.59 -4.48
CA ARG A 42 -18.78 4.90 -5.57
C ARG A 42 -17.97 4.95 -6.86
N GLU A 43 -17.22 6.04 -7.07
CA GLU A 43 -16.47 6.19 -8.32
C GLU A 43 -15.12 5.50 -8.31
N ILE A 44 -14.62 5.11 -7.14
CA ILE A 44 -13.31 4.47 -7.05
C ILE A 44 -13.36 3.03 -6.55
N MET A 45 -14.52 2.53 -6.12
CA MET A 45 -14.65 1.18 -5.57
C MET A 45 -14.62 0.11 -6.64
N THR A 46 -14.34 -1.10 -6.21
CA THR A 46 -14.65 -2.29 -7.02
C THR A 46 -16.12 -2.62 -6.80
N PRO A 47 -16.94 -2.64 -7.86
CA PRO A 47 -18.37 -2.93 -7.69
C PRO A 47 -18.61 -4.40 -7.37
N ARG A 48 -19.78 -4.62 -6.77
CA ARG A 48 -20.19 -5.95 -6.32
C ARG A 48 -20.00 -6.99 -7.41
N VAL A 49 -20.33 -6.66 -8.66
CA VAL A 49 -20.29 -7.64 -9.74
C VAL A 49 -18.87 -8.06 -10.11
N GLU A 50 -17.87 -7.37 -9.60
CA GLU A 50 -16.47 -7.71 -9.84
C GLU A 50 -15.76 -8.18 -8.57
N MET A 51 -16.44 -8.23 -7.43
CA MET A 51 -15.84 -8.69 -6.19
C MET A 51 -15.62 -10.19 -6.18
N VAL A 52 -14.51 -10.59 -5.53
CA VAL A 52 -14.23 -11.98 -5.22
C VAL A 52 -14.46 -12.16 -3.72
N ALA A 53 -15.41 -13.01 -3.37
CA ALA A 53 -15.80 -13.18 -1.97
C ALA A 53 -15.97 -14.66 -1.69
N ILE A 54 -16.03 -15.02 -0.40
CA ILE A 54 -16.10 -16.41 0.01
C ILE A 54 -17.10 -16.56 1.15
N GLU A 55 -17.79 -17.71 1.21
CA GLU A 55 -18.78 -17.93 2.27
C GLU A 55 -18.06 -18.19 3.60
N ASP A 56 -18.67 -17.74 4.70
CA ASP A 56 -17.89 -17.79 5.94
C ASP A 56 -17.74 -19.20 6.51
N GLU A 57 -18.55 -20.16 6.08
CA GLU A 57 -18.33 -21.52 6.53
C GLU A 57 -17.45 -22.35 5.60
N ALA A 58 -16.92 -21.75 4.53
CA ALA A 58 -15.93 -22.45 3.72
C ALA A 58 -14.69 -22.75 4.56
N THR A 59 -14.00 -23.84 4.22
CA THR A 59 -12.81 -24.22 4.98
C THR A 59 -11.62 -23.34 4.58
N LEU A 60 -10.61 -23.32 5.45
CA LEU A 60 -9.36 -22.66 5.08
C LEU A 60 -8.76 -23.26 3.81
N GLU A 61 -8.98 -24.55 3.56
CA GLU A 61 -8.56 -25.15 2.30
C GLU A 61 -9.29 -24.56 1.10
N ASP A 62 -10.60 -24.36 1.23
CA ASP A 62 -11.33 -23.66 0.17
C ASP A 62 -10.76 -22.27 -0.07
N LEU A 63 -10.40 -21.57 1.00
CA LEU A 63 -9.87 -20.22 0.84
C LEU A 63 -8.53 -20.25 0.12
N LEU A 64 -7.68 -21.22 0.47
CA LEU A 64 -6.40 -21.34 -0.21
C LEU A 64 -6.59 -21.64 -1.70
N ALA A 65 -7.53 -22.51 -2.03
CA ALA A 65 -7.80 -22.78 -3.43
C ALA A 65 -8.28 -21.52 -4.14
N LEU A 66 -9.16 -20.75 -3.48
CA LEU A 66 -9.67 -19.51 -4.07
C LEU A 66 -8.55 -18.52 -4.30
N TYR A 67 -7.61 -18.44 -3.37
CA TYR A 67 -6.49 -17.54 -3.56
C TYR A 67 -5.67 -17.92 -4.79
N ARG A 68 -5.41 -19.22 -4.96
CA ARG A 68 -4.62 -19.66 -6.11
C ARG A 68 -5.32 -19.40 -7.43
N GLU A 69 -6.65 -19.49 -7.45
CA GLU A 69 -7.39 -19.23 -8.67
C GLU A 69 -7.48 -17.73 -8.97
N HIS A 70 -7.73 -16.90 -7.96
CA HIS A 70 -8.10 -15.51 -8.23
C HIS A 70 -7.08 -14.49 -7.74
N ARG A 71 -6.17 -14.86 -6.85
CA ARG A 71 -5.02 -14.06 -6.40
C ARG A 71 -5.39 -12.84 -5.55
N ALA A 72 -6.62 -12.71 -5.09
CA ALA A 72 -6.96 -11.60 -4.20
C ALA A 72 -6.37 -11.84 -2.82
N SER A 73 -5.60 -10.88 -2.32
CA SER A 73 -5.01 -11.02 -0.98
C SER A 73 -6.01 -10.81 0.14
N ARG A 74 -7.01 -9.94 -0.04
CA ARG A 74 -8.05 -9.71 0.94
C ARG A 74 -9.40 -10.05 0.31
N VAL A 75 -10.22 -10.83 1.02
CA VAL A 75 -11.43 -11.42 0.48
C VAL A 75 -12.57 -11.08 1.43
N PRO A 76 -13.61 -10.35 0.98
CA PRO A 76 -14.80 -10.23 1.83
C PRO A 76 -15.43 -11.59 2.06
N VAL A 77 -16.02 -11.72 3.24
CA VAL A 77 -16.59 -12.97 3.73
C VAL A 77 -18.05 -12.71 3.99
N TYR A 78 -18.93 -13.59 3.48
CA TYR A 78 -20.36 -13.35 3.59
C TYR A 78 -21.07 -14.58 4.15
N ARG A 79 -22.29 -14.35 4.67
CA ARG A 79 -23.02 -15.44 5.30
C ARG A 79 -23.86 -16.18 4.27
N GLU A 80 -24.87 -15.55 3.70
CA GLU A 80 -25.71 -16.34 2.80
C GLU A 80 -25.52 -15.95 1.34
N SER A 81 -25.44 -14.66 1.07
CA SER A 81 -25.02 -14.17 -0.23
C SER A 81 -24.12 -12.97 0.03
N VAL A 82 -23.48 -12.51 -1.05
CA VAL A 82 -22.57 -11.38 -1.00
C VAL A 82 -23.22 -10.11 -0.46
N ASP A 83 -24.56 -10.07 -0.33
CA ASP A 83 -25.20 -8.90 0.25
C ASP A 83 -25.24 -8.95 1.78
N HIS A 84 -24.67 -9.99 2.42
CA HIS A 84 -24.50 -10.00 3.87
C HIS A 84 -23.04 -10.31 4.18
N ILE A 85 -22.19 -9.29 4.05
CA ILE A 85 -20.77 -9.40 4.36
C ILE A 85 -20.64 -9.41 5.87
N VAL A 86 -19.88 -10.36 6.42
CA VAL A 86 -19.68 -10.41 7.86
C VAL A 86 -18.22 -10.22 8.26
N GLY A 87 -17.30 -10.10 7.31
CA GLY A 87 -15.95 -9.74 7.66
C GLY A 87 -15.07 -9.79 6.43
N VAL A 88 -13.76 -9.76 6.69
CA VAL A 88 -12.73 -9.77 5.64
C VAL A 88 -11.66 -10.76 6.07
N ALA A 89 -11.23 -11.61 5.14
CA ALA A 89 -10.18 -12.60 5.38
C ALA A 89 -8.92 -12.17 4.63
N TYR A 90 -7.76 -12.31 5.29
CA TYR A 90 -6.46 -11.96 4.72
C TYR A 90 -5.72 -13.24 4.39
N ALA A 91 -5.33 -13.39 3.13
CA ALA A 91 -4.81 -14.68 2.66
C ALA A 91 -3.54 -15.10 3.36
N LYS A 92 -2.66 -14.18 3.76
CA LYS A 92 -1.39 -14.62 4.36
C LYS A 92 -1.58 -15.18 5.73
N ASP A 93 -2.72 -14.86 6.37
CA ASP A 93 -2.99 -15.43 7.67
C ASP A 93 -3.00 -16.94 7.58
N LEU A 94 -3.26 -17.51 6.39
CA LEU A 94 -3.16 -18.94 6.17
C LEU A 94 -1.79 -19.48 6.52
N LEU A 95 -0.73 -18.68 6.34
CA LEU A 95 0.62 -19.15 6.63
C LEU A 95 0.81 -19.45 8.11
N ASP A 96 -0.09 -18.98 8.96
CA ASP A 96 0.03 -19.18 10.39
C ASP A 96 -0.67 -20.44 10.86
N TYR A 97 -1.27 -21.19 9.95
CA TYR A 97 -1.97 -22.42 10.28
C TYR A 97 -1.31 -23.59 9.55
N TYR A 98 -1.33 -24.75 10.21
CA TYR A 98 -0.65 -25.98 9.86
C TYR A 98 -1.49 -26.81 8.88
N CYS A 99 -0.84 -27.40 7.85
CA CYS A 99 -1.59 -28.14 6.84
C CYS A 99 -2.22 -29.41 7.38
N GLU A 100 -1.71 -29.95 8.48
CA GLU A 100 -2.09 -31.29 8.90
C GLU A 100 -3.56 -31.37 9.31
N GLU A 101 -4.03 -30.47 10.17
CA GLU A 101 -5.45 -30.49 10.49
C GLU A 101 -6.14 -29.14 10.50
N ASP A 102 -5.42 -28.01 10.57
CA ASP A 102 -6.07 -26.72 10.68
C ASP A 102 -6.82 -26.36 9.39
N LEU A 103 -6.35 -26.82 8.25
CA LEU A 103 -6.94 -26.30 7.01
C LEU A 103 -8.28 -26.95 6.71
N LYS A 104 -8.44 -28.24 7.03
CA LYS A 104 -9.76 -28.84 6.99
C LYS A 104 -10.44 -28.82 8.35
N GLY A 105 -9.72 -28.54 9.43
CA GLY A 105 -10.35 -28.38 10.73
C GLY A 105 -10.95 -27.01 11.02
N ARG A 106 -10.62 -25.99 10.23
CA ARG A 106 -11.08 -24.63 10.51
C ARG A 106 -11.72 -24.04 9.26
N THR A 107 -12.58 -23.05 9.48
CA THR A 107 -13.25 -22.34 8.40
C THR A 107 -12.79 -20.89 8.33
N VAL A 108 -13.18 -20.23 7.23
CA VAL A 108 -12.84 -18.81 7.06
C VAL A 108 -13.33 -18.00 8.25
N ALA A 109 -14.44 -18.40 8.86
CA ALA A 109 -14.92 -17.66 10.02
C ALA A 109 -13.90 -17.60 11.15
N SER A 110 -12.96 -18.55 11.22
CA SER A 110 -12.00 -18.50 12.31
C SER A 110 -10.95 -17.41 12.14
N ILE A 111 -10.80 -16.79 10.96
CA ILE A 111 -9.75 -15.81 10.75
C ILE A 111 -10.27 -14.47 10.22
N THR A 112 -11.59 -14.31 10.19
CA THR A 112 -12.17 -13.08 9.64
C THR A 112 -11.96 -11.91 10.60
N HIS A 113 -11.66 -10.76 10.02
CA HIS A 113 -11.63 -9.46 10.68
C HIS A 113 -12.99 -8.77 10.49
N PRO A 114 -13.45 -8.04 11.51
CA PRO A 114 -14.75 -7.39 11.42
C PRO A 114 -14.76 -6.36 10.31
N PRO A 115 -15.89 -6.18 9.64
CA PRO A 115 -15.91 -5.27 8.49
C PRO A 115 -16.18 -3.83 8.90
N TYR A 116 -15.72 -2.93 8.04
CA TYR A 116 -15.99 -1.50 8.17
C TYR A 116 -16.89 -1.10 6.99
N PHE A 117 -18.10 -0.60 7.28
CA PHE A 117 -19.08 -0.27 6.26
C PHE A 117 -19.12 1.24 6.02
N VAL A 118 -19.18 1.64 4.75
CA VAL A 118 -19.37 3.05 4.38
C VAL A 118 -20.48 3.20 3.34
N PRO A 119 -21.13 4.35 3.28
CA PRO A 119 -22.12 4.59 2.24
C PRO A 119 -21.48 4.91 0.90
N GLU A 120 -22.29 4.74 -0.17
CA GLU A 120 -21.81 5.00 -1.52
C GLU A 120 -21.38 6.45 -1.74
N ASN A 121 -21.99 7.41 -1.03
CA ASN A 121 -21.66 8.81 -1.28
C ASN A 121 -20.59 9.35 -0.34
N MET A 122 -20.00 8.50 0.51
CA MET A 122 -18.90 8.98 1.32
C MET A 122 -17.77 9.46 0.41
N ASP A 123 -17.14 10.57 0.76
CA ASP A 123 -16.04 11.08 -0.05
C ASP A 123 -14.70 10.41 0.32
N ALA A 124 -13.79 10.39 -0.65
CA ALA A 124 -12.51 9.71 -0.45
C ALA A 124 -11.67 10.38 0.62
N TRP A 125 -11.88 11.67 0.88
CA TRP A 125 -11.13 12.33 1.95
C TRP A 125 -11.58 11.82 3.30
N SER A 126 -12.89 11.77 3.54
CA SER A 126 -13.40 11.20 4.79
C SER A 126 -12.98 9.74 4.93
N LEU A 127 -13.01 9.00 3.83
CA LEU A 127 -12.62 7.59 3.88
C LEU A 127 -11.16 7.44 4.31
N LEU A 128 -10.28 8.22 3.69
CA LEU A 128 -8.88 8.18 4.08
C LEU A 128 -8.70 8.45 5.57
N LYS A 129 -9.38 9.47 6.10
CA LYS A 129 -9.25 9.73 7.52
C LYS A 129 -9.79 8.56 8.35
N GLU A 130 -10.91 7.97 7.95
CA GLU A 130 -11.45 6.86 8.74
C GLU A 130 -10.55 5.64 8.66
N LEU A 131 -10.02 5.34 7.47
CA LEU A 131 -9.12 4.20 7.35
C LEU A 131 -7.91 4.39 8.26
N ARG A 132 -7.39 5.62 8.33
CA ARG A 132 -6.30 5.94 9.26
C ARG A 132 -6.70 5.67 10.70
N ARG A 133 -7.82 6.25 11.14
CA ARG A 133 -8.26 6.09 12.53
C ARG A 133 -8.53 4.63 12.89
N ARG A 134 -9.20 3.90 11.99
CA ARG A 134 -9.59 2.54 12.33
C ARG A 134 -8.49 1.52 12.09
N LYS A 135 -7.39 1.90 11.44
CA LYS A 135 -6.27 1.01 11.16
C LYS A 135 -6.72 -0.20 10.34
N VAL A 136 -7.53 0.04 9.32
CA VAL A 136 -7.92 -0.98 8.37
C VAL A 136 -7.66 -0.43 6.98
N HIS A 137 -7.51 -1.34 6.02
CA HIS A 137 -7.13 -0.96 4.67
C HIS A 137 -8.26 -1.14 3.67
N MET A 138 -9.44 -1.55 4.14
CA MET A 138 -10.54 -1.85 3.24
C MET A 138 -11.84 -1.42 3.90
N ALA A 139 -12.82 -1.05 3.07
CA ALA A 139 -14.18 -0.80 3.55
C ALA A 139 -15.17 -1.48 2.61
N ILE A 140 -16.28 -1.96 3.18
CA ILE A 140 -17.39 -2.47 2.40
C ILE A 140 -18.34 -1.31 2.11
N VAL A 141 -18.61 -1.06 0.84
CA VAL A 141 -19.52 0.01 0.44
C VAL A 141 -20.93 -0.58 0.36
N VAL A 142 -21.86 0.05 1.04
CA VAL A 142 -23.24 -0.44 1.10
C VAL A 142 -24.18 0.52 0.39
N ASP A 143 -25.29 -0.02 -0.12
CA ASP A 143 -26.30 0.82 -0.75
C ASP A 143 -27.30 1.29 0.31
N GLU A 144 -28.26 2.14 -0.12
CA GLU A 144 -29.28 2.71 0.76
C GLU A 144 -30.10 1.65 1.48
N PHE A 145 -30.18 0.45 0.93
CA PHE A 145 -31.00 -0.59 1.51
C PHE A 145 -30.20 -1.60 2.31
N GLY A 146 -28.90 -1.35 2.50
CA GLY A 146 -28.07 -2.26 3.26
C GLY A 146 -27.49 -3.39 2.45
N GLY A 147 -27.65 -3.38 1.13
CA GLY A 147 -27.00 -4.37 0.31
C GLY A 147 -25.55 -3.99 0.03
N THR A 148 -24.82 -4.92 -0.55
CA THR A 148 -23.42 -4.68 -0.86
C THR A 148 -23.30 -3.94 -2.18
N ALA A 149 -22.78 -2.70 -2.14
CA ALA A 149 -22.51 -1.99 -3.39
C ALA A 149 -21.12 -2.32 -3.95
N GLY A 150 -20.17 -2.66 -3.10
CA GLY A 150 -18.83 -2.94 -3.61
C GLY A 150 -17.82 -2.87 -2.47
N LEU A 151 -16.56 -2.68 -2.85
CA LEU A 151 -15.54 -2.57 -1.83
C LEU A 151 -14.51 -1.54 -2.27
N VAL A 152 -13.93 -0.86 -1.31
CA VAL A 152 -12.98 0.20 -1.60
C VAL A 152 -11.80 0.06 -0.65
N THR A 153 -10.60 0.29 -1.17
CA THR A 153 -9.39 0.03 -0.39
C THR A 153 -8.57 1.31 -0.26
N LEU A 154 -7.64 1.27 0.70
CA LEU A 154 -6.68 2.35 0.83
C LEU A 154 -5.94 2.57 -0.47
N GLU A 155 -5.57 1.49 -1.16
CA GLU A 155 -4.82 1.67 -2.41
C GLU A 155 -5.66 2.39 -3.47
N ASP A 156 -6.96 2.10 -3.53
CA ASP A 156 -7.84 2.87 -4.41
C ASP A 156 -7.68 4.38 -4.18
N VAL A 157 -7.63 4.79 -2.91
CA VAL A 157 -7.48 6.21 -2.62
C VAL A 157 -6.09 6.69 -3.00
N ILE A 158 -5.05 5.92 -2.65
CA ILE A 158 -3.69 6.33 -2.97
C ILE A 158 -3.53 6.54 -4.47
N GLU A 159 -4.09 5.63 -5.27
CA GLU A 159 -3.99 5.76 -6.72
C GLU A 159 -4.68 7.01 -7.23
N GLU A 160 -5.68 7.52 -6.52
CA GLU A 160 -6.25 8.82 -6.90
C GLU A 160 -5.22 9.93 -6.78
N ILE A 161 -4.32 9.82 -5.81
CA ILE A 161 -3.32 10.85 -5.56
C ILE A 161 -2.14 10.72 -6.51
N VAL A 162 -1.52 9.53 -6.56
CA VAL A 162 -0.23 9.37 -7.24
C VAL A 162 -0.35 8.80 -8.64
N GLY A 163 -1.52 8.34 -9.04
CA GLY A 163 -1.67 7.68 -10.33
C GLY A 163 -1.75 6.17 -10.18
N GLU A 164 -1.95 5.51 -11.32
CA GLU A 164 -2.10 4.06 -11.33
C GLU A 164 -0.82 3.40 -10.85
N ILE A 165 -0.98 2.37 -10.02
CA ILE A 165 0.12 1.55 -9.55
C ILE A 165 0.02 0.21 -10.28
N TYR A 166 0.98 -0.04 -11.17
CA TYR A 166 1.11 -1.33 -11.85
C TYR A 166 1.11 -2.45 -10.81
N ASP A 167 0.27 -3.47 -11.04
CA ASP A 167 -0.18 -4.35 -9.94
C ASP A 167 0.93 -4.86 -9.02
N THR B 1 -2.16 33.94 -12.85
CA THR B 1 -1.68 35.31 -13.03
C THR B 1 -0.48 35.68 -12.11
N PRO B 2 -0.55 35.41 -10.80
CA PRO B 2 0.54 35.84 -9.92
C PRO B 2 1.82 35.02 -10.15
N LEU B 3 2.96 35.72 -10.12
CA LEU B 3 4.27 35.05 -10.17
C LEU B 3 4.62 34.56 -8.77
N VAL B 4 4.82 33.26 -8.62
CA VAL B 4 4.85 32.61 -7.31
C VAL B 4 6.03 31.65 -7.27
N SER B 5 6.91 31.83 -6.30
CA SER B 5 8.02 30.90 -6.16
C SER B 5 7.60 29.72 -5.30
N GLU B 6 8.39 28.64 -5.36
CA GLU B 6 8.07 27.49 -4.54
C GLU B 6 8.16 27.84 -3.05
N GLU B 7 9.07 28.74 -2.69
CA GLU B 7 9.17 29.20 -1.30
C GLU B 7 7.91 29.94 -0.89
N GLU B 8 7.47 30.89 -1.71
CA GLU B 8 6.23 31.60 -1.41
C GLU B 8 5.05 30.63 -1.36
N LEU B 9 5.04 29.63 -2.25
CA LEU B 9 3.92 28.69 -2.26
C LEU B 9 3.79 28.00 -0.91
N LYS B 10 4.92 27.55 -0.35
CA LYS B 10 4.89 26.91 0.97
C LYS B 10 4.32 27.85 2.03
N LEU B 11 4.75 29.13 2.00
CA LEU B 11 4.26 30.07 3.01
C LEU B 11 2.77 30.33 2.86
N ILE B 12 2.29 30.42 1.62
CA ILE B 12 0.85 30.59 1.41
C ILE B 12 0.07 29.37 1.89
N LEU B 13 0.65 28.17 1.74
CA LEU B 13 -0.06 26.96 2.17
C LEU B 13 -0.26 26.95 3.67
N ALA B 14 0.72 27.44 4.43
CA ALA B 14 0.54 27.63 5.86
C ALA B 14 -0.57 28.64 6.14
N GLY B 15 -0.61 29.74 5.38
CA GLY B 15 -1.65 30.73 5.57
C GLY B 15 -3.04 30.23 5.24
N ALA B 16 -3.15 29.33 4.25
CA ALA B 16 -4.44 28.75 3.94
C ALA B 16 -4.91 27.79 5.03
N GLU B 17 -3.96 27.15 5.74
CA GLU B 17 -4.32 26.34 6.89
C GLU B 17 -4.90 27.20 8.01
N GLU B 18 -4.18 28.24 8.41
CA GLU B 18 -4.65 29.15 9.45
C GLU B 18 -5.96 29.81 9.07
N SER B 19 -6.17 30.07 7.78
CA SER B 19 -7.42 30.62 7.29
C SER B 19 -8.57 29.62 7.35
N GLY B 20 -8.30 28.34 7.61
CA GLY B 20 -9.34 27.35 7.53
C GLY B 20 -9.86 27.09 6.13
N ALA B 21 -9.17 27.58 5.10
CA ALA B 21 -9.58 27.25 3.74
C ALA B 21 -9.25 25.79 3.41
N ILE B 22 -8.25 25.22 4.07
CA ILE B 22 -7.87 23.83 3.87
C ILE B 22 -7.73 23.20 5.25
N GLN B 23 -7.99 21.90 5.33
CA GLN B 23 -7.82 21.20 6.60
C GLN B 23 -6.35 21.03 6.92
N PRO B 24 -6.00 20.91 8.22
CA PRO B 24 -4.58 20.73 8.58
C PRO B 24 -3.91 19.55 7.91
N GLN B 25 -4.61 18.42 7.79
CA GLN B 25 -4.01 17.27 7.13
C GLN B 25 -3.90 17.47 5.62
N GLU B 26 -4.82 18.24 5.02
CA GLU B 26 -4.69 18.59 3.61
C GLU B 26 -3.42 19.40 3.36
N GLU B 27 -3.14 20.37 4.24
CA GLU B 27 -1.92 21.16 4.13
C GLU B 27 -0.69 20.30 4.29
N GLU B 28 -0.71 19.40 5.28
CA GLU B 28 0.47 18.58 5.55
C GLU B 28 0.76 17.64 4.37
N MET B 29 -0.29 17.08 3.76
CA MET B 29 -0.07 16.20 2.61
C MET B 29 0.51 16.98 1.44
N ILE B 30 -0.06 18.16 1.15
CA ILE B 30 0.45 18.99 0.06
C ILE B 30 1.89 19.42 0.35
N HIS B 31 2.17 19.80 1.59
CA HIS B 31 3.54 20.15 1.94
C HIS B 31 4.47 18.96 1.74
N SER B 32 4.03 17.77 2.13
CA SER B 32 4.86 16.58 1.96
C SER B 32 5.11 16.30 0.49
N ILE B 33 4.10 16.48 -0.37
CA ILE B 33 4.32 16.36 -1.82
C ILE B 33 5.50 17.23 -2.24
N LEU B 34 5.52 18.48 -1.76
CA LEU B 34 6.56 19.41 -2.17
C LEU B 34 7.93 19.00 -1.64
N GLU B 35 7.97 18.34 -0.48
CA GLU B 35 9.22 17.90 0.13
C GLU B 35 9.78 16.62 -0.50
N LEU B 36 8.98 15.89 -1.28
CA LEU B 36 9.46 14.63 -1.84
C LEU B 36 10.75 14.84 -2.60
N GLU B 37 10.84 15.95 -3.34
CA GLU B 37 11.96 16.08 -4.27
C GLU B 37 13.22 16.42 -3.48
N GLU B 38 13.08 16.76 -2.22
CA GLU B 38 14.15 17.16 -1.33
C GLU B 38 14.46 16.09 -0.29
N THR B 39 13.85 14.92 -0.39
CA THR B 39 14.02 13.85 0.60
C THR B 39 14.82 12.71 -0.01
N PRO B 40 16.03 12.45 0.44
CA PRO B 40 16.79 11.29 -0.07
C PRO B 40 16.25 9.99 0.49
N VAL B 41 16.36 8.92 -0.31
CA VAL B 41 15.77 7.66 0.12
C VAL B 41 16.44 7.17 1.40
N ARG B 42 17.69 7.57 1.65
CA ARG B 42 18.38 7.20 2.89
C ARG B 42 17.58 7.62 4.12
N GLU B 43 16.79 8.68 4.02
CA GLU B 43 16.04 9.12 5.19
C GLU B 43 14.74 8.35 5.41
N ILE B 44 14.26 7.58 4.43
CA ILE B 44 13.01 6.84 4.57
C ILE B 44 13.18 5.34 4.42
N MET B 45 14.40 4.84 4.26
CA MET B 45 14.63 3.42 4.05
C MET B 45 14.63 2.67 5.38
N THR B 46 14.40 1.36 5.29
CA THR B 46 14.83 0.44 6.34
C THR B 46 16.32 0.22 6.21
N PRO B 47 17.13 0.54 7.21
CA PRO B 47 18.58 0.37 7.10
C PRO B 47 18.98 -1.09 7.10
N ARG B 48 20.16 -1.34 6.52
CA ARG B 48 20.65 -2.71 6.39
C ARG B 48 20.57 -3.49 7.71
N VAL B 49 21.02 -2.87 8.81
CA VAL B 49 21.05 -3.59 10.08
C VAL B 49 19.68 -3.91 10.64
N GLU B 50 18.61 -3.33 10.09
CA GLU B 50 17.27 -3.64 10.56
C GLU B 50 16.46 -4.50 9.59
N MET B 51 17.01 -4.87 8.44
CA MET B 51 16.16 -5.54 7.47
C MET B 51 16.21 -7.05 7.65
N VAL B 52 15.10 -7.69 7.33
CA VAL B 52 15.01 -9.14 7.35
C VAL B 52 15.44 -9.62 5.97
N ALA B 53 16.47 -10.49 5.93
CA ALA B 53 16.98 -11.00 4.66
C ALA B 53 17.22 -12.50 4.78
N ILE B 54 17.37 -13.18 3.64
CA ILE B 54 17.54 -14.64 3.62
C ILE B 54 18.50 -15.06 2.51
N GLU B 55 19.23 -16.14 2.74
CA GLU B 55 20.20 -16.60 1.76
C GLU B 55 19.50 -17.35 0.62
N ASP B 56 20.08 -17.26 -0.58
CA ASP B 56 19.40 -17.77 -1.76
C ASP B 56 19.23 -19.29 -1.76
N GLU B 57 20.09 -20.03 -1.06
CA GLU B 57 19.97 -21.48 -1.00
C GLU B 57 19.21 -21.99 0.23
N ALA B 58 18.74 -21.10 1.10
CA ALA B 58 17.71 -21.47 2.06
C ALA B 58 16.50 -22.01 1.32
N THR B 59 15.67 -22.77 2.05
CA THR B 59 14.47 -23.38 1.47
C THR B 59 13.25 -22.52 1.73
N LEU B 60 12.17 -22.82 1.01
CA LEU B 60 10.90 -22.13 1.26
C LEU B 60 10.41 -22.39 2.68
N GLU B 61 10.79 -23.53 3.26
CA GLU B 61 10.45 -23.78 4.66
C GLU B 61 11.18 -22.81 5.59
N ASP B 62 12.44 -22.47 5.28
CA ASP B 62 13.13 -21.44 6.04
C ASP B 62 12.46 -20.08 5.85
N LEU B 63 12.03 -19.78 4.63
CA LEU B 63 11.33 -18.53 4.40
C LEU B 63 10.01 -18.48 5.15
N LEU B 64 9.28 -19.60 5.19
CA LEU B 64 8.05 -19.64 5.97
C LEU B 64 8.32 -19.40 7.46
N ALA B 65 9.35 -20.07 8.00
CA ALA B 65 9.71 -19.86 9.40
C ALA B 65 10.12 -18.41 9.64
N LEU B 66 10.82 -17.82 8.66
CA LEU B 66 11.21 -16.42 8.77
C LEU B 66 9.99 -15.51 8.78
N TYR B 67 8.99 -15.81 7.95
CA TYR B 67 7.77 -15.00 7.93
C TYR B 67 7.03 -15.08 9.26
N ARG B 68 6.87 -16.29 9.80
CA ARG B 68 6.15 -16.46 11.06
C ARG B 68 6.84 -15.74 12.21
N GLU B 69 8.17 -15.65 12.17
CA GLU B 69 8.89 -14.99 13.25
C GLU B 69 8.88 -13.46 13.11
N HIS B 70 9.15 -12.94 11.91
CA HIS B 70 9.37 -11.50 11.78
C HIS B 70 8.30 -10.73 11.04
N ARG B 71 7.38 -11.38 10.32
CA ARG B 71 6.25 -10.72 9.65
C ARG B 71 6.62 -9.99 8.36
N ALA B 72 7.87 -10.12 7.89
CA ALA B 72 8.31 -9.36 6.72
C ALA B 72 7.70 -9.95 5.45
N SER B 73 6.90 -9.14 4.77
CA SER B 73 6.21 -9.64 3.57
C SER B 73 7.15 -9.72 2.37
N ARG B 74 8.18 -8.90 2.34
CA ARG B 74 9.14 -8.88 1.23
C ARG B 74 10.54 -8.95 1.84
N VAL B 75 11.34 -9.88 1.31
CA VAL B 75 12.60 -10.27 1.96
C VAL B 75 13.66 -10.23 0.90
N PRO B 76 14.72 -9.42 1.06
CA PRO B 76 15.84 -9.48 0.11
C PRO B 76 16.57 -10.81 0.23
N VAL B 77 17.08 -11.28 -0.90
CA VAL B 77 17.73 -12.56 -1.01
C VAL B 77 19.19 -12.31 -1.40
N TYR B 78 20.12 -12.97 -0.69
CA TYR B 78 21.52 -12.68 -0.86
C TYR B 78 22.31 -13.97 -1.03
N ARG B 79 23.53 -13.87 -1.59
CA ARG B 79 24.32 -15.08 -1.70
C ARG B 79 25.30 -15.31 -0.56
N GLU B 80 26.31 -14.47 -0.41
CA GLU B 80 27.26 -14.81 0.65
C GLU B 80 27.04 -13.96 1.89
N SER B 81 26.68 -12.71 1.69
CA SER B 81 26.31 -11.83 2.77
C SER B 81 25.31 -10.83 2.24
N VAL B 82 24.75 -10.06 3.15
CA VAL B 82 23.70 -9.12 2.81
C VAL B 82 24.22 -8.00 1.92
N ASP B 83 25.54 -7.90 1.75
CA ASP B 83 26.06 -6.94 0.79
C ASP B 83 26.05 -7.47 -0.64
N HIS B 84 25.52 -8.68 -0.89
CA HIS B 84 25.36 -9.18 -2.27
C HIS B 84 23.91 -9.65 -2.43
N ILE B 85 23.01 -8.71 -2.68
CA ILE B 85 21.61 -9.02 -2.89
C ILE B 85 21.44 -9.50 -4.32
N VAL B 86 20.78 -10.66 -4.48
CA VAL B 86 20.52 -11.18 -5.82
C VAL B 86 19.05 -11.14 -6.16
N GLY B 87 18.20 -10.74 -5.23
CA GLY B 87 16.80 -10.54 -5.57
C GLY B 87 15.95 -10.37 -4.34
N VAL B 88 14.65 -10.53 -4.55
CA VAL B 88 13.61 -10.26 -3.58
C VAL B 88 12.61 -11.41 -3.59
N ALA B 89 12.24 -11.89 -2.41
CA ALA B 89 11.23 -12.93 -2.27
C ALA B 89 10.01 -12.36 -1.55
N TYR B 90 8.83 -12.82 -1.96
CA TYR B 90 7.54 -12.43 -1.38
C TYR B 90 6.97 -13.57 -0.57
N ALA B 91 6.63 -13.27 0.69
CA ALA B 91 6.00 -14.28 1.54
C ALA B 91 4.73 -14.83 0.91
N LYS B 92 3.95 -14.00 0.22
CA LYS B 92 2.69 -14.50 -0.31
C LYS B 92 2.89 -15.54 -1.40
N ASP B 93 4.04 -15.53 -2.07
CA ASP B 93 4.32 -16.57 -3.06
C ASP B 93 4.37 -17.96 -2.43
N LEU B 94 4.60 -18.06 -1.12
CA LEU B 94 4.53 -19.36 -0.44
C LEU B 94 3.14 -19.98 -0.56
N LEU B 95 2.10 -19.16 -0.69
CA LEU B 95 0.75 -19.69 -0.79
C LEU B 95 0.54 -20.53 -2.04
N ASP B 96 1.36 -20.34 -3.09
CA ASP B 96 1.25 -21.19 -4.26
C ASP B 96 1.79 -22.59 -4.03
N TYR B 97 2.61 -22.78 -3.01
CA TYR B 97 3.19 -24.08 -2.70
C TYR B 97 2.72 -24.66 -1.38
N TYR B 98 2.21 -23.82 -0.49
CA TYR B 98 1.88 -24.25 0.87
C TYR B 98 0.81 -25.34 0.84
N CYS B 99 1.11 -26.47 1.52
CA CYS B 99 0.27 -27.66 1.57
C CYS B 99 0.07 -28.34 0.21
N GLU B 100 0.68 -27.80 -0.84
CA GLU B 100 0.68 -28.44 -2.14
C GLU B 100 1.92 -29.28 -2.36
N GLU B 101 3.05 -28.88 -1.79
CA GLU B 101 4.26 -29.69 -1.82
C GLU B 101 5.06 -29.38 -0.57
N ASP B 102 6.14 -30.15 -0.37
CA ASP B 102 7.05 -29.97 0.74
C ASP B 102 7.86 -28.70 0.51
N LEU B 103 7.68 -27.68 1.37
CA LEU B 103 8.39 -26.43 1.16
C LEU B 103 9.89 -26.59 1.29
N LYS B 104 10.33 -27.67 1.95
CA LYS B 104 11.77 -27.97 1.99
C LYS B 104 12.30 -28.41 0.63
N GLY B 105 11.44 -28.71 -0.34
CA GLY B 105 11.88 -29.17 -1.66
C GLY B 105 12.29 -28.08 -2.64
N ARG B 106 12.10 -26.81 -2.31
CA ARG B 106 12.45 -25.72 -3.22
C ARG B 106 13.31 -24.71 -2.50
N THR B 107 14.24 -24.11 -3.21
CA THR B 107 15.03 -23.07 -2.56
C THR B 107 14.38 -21.71 -2.81
N VAL B 108 14.76 -20.74 -1.97
CA VAL B 108 14.27 -19.38 -2.15
C VAL B 108 14.66 -18.83 -3.51
N ALA B 109 15.82 -19.24 -4.02
CA ALA B 109 16.25 -18.80 -5.34
C ALA B 109 15.23 -19.15 -6.41
N SER B 110 14.40 -20.15 -6.19
CA SER B 110 13.46 -20.58 -7.22
C SER B 110 12.26 -19.65 -7.35
N ILE B 111 12.02 -18.78 -6.38
CA ILE B 111 10.91 -17.83 -6.41
C ILE B 111 11.38 -16.38 -6.37
N THR B 112 12.69 -16.14 -6.50
CA THR B 112 13.25 -14.80 -6.32
C THR B 112 12.93 -13.91 -7.53
N HIS B 113 12.51 -12.68 -7.25
CA HIS B 113 12.34 -11.66 -8.29
C HIS B 113 13.61 -10.83 -8.44
N PRO B 114 13.91 -10.35 -9.66
CA PRO B 114 15.14 -9.59 -9.85
C PRO B 114 15.14 -8.32 -9.03
N PRO B 115 16.31 -7.89 -8.56
CA PRO B 115 16.39 -6.71 -7.69
C PRO B 115 16.48 -5.41 -8.48
N TYR B 116 16.01 -4.34 -7.86
CA TYR B 116 16.09 -2.99 -8.42
C TYR B 116 16.93 -2.15 -7.46
N PHE B 117 18.05 -1.62 -7.94
CA PHE B 117 19.00 -0.91 -7.09
C PHE B 117 18.88 0.60 -7.31
N VAL B 118 18.83 1.35 -6.21
CA VAL B 118 18.82 2.81 -6.27
C VAL B 118 19.90 3.32 -5.33
N PRO B 119 20.55 4.43 -5.62
CA PRO B 119 21.53 4.97 -4.71
C PRO B 119 20.88 5.66 -3.51
N GLU B 120 21.69 5.79 -2.46
CA GLU B 120 21.25 6.42 -1.21
C GLU B 120 20.75 7.83 -1.40
N ASN B 121 21.29 8.58 -2.37
CA ASN B 121 20.93 9.98 -2.49
C ASN B 121 19.84 10.23 -3.51
N MET B 122 19.26 9.18 -4.09
CA MET B 122 18.07 9.37 -4.92
C MET B 122 16.97 10.06 -4.11
N ASP B 123 16.23 10.95 -4.74
CA ASP B 123 15.18 11.64 -4.00
C ASP B 123 13.87 10.86 -4.07
N ALA B 124 13.01 11.08 -3.08
CA ALA B 124 11.78 10.30 -2.93
C ALA B 124 10.80 10.54 -4.08
N TRP B 125 10.82 11.74 -4.68
CA TRP B 125 9.99 12.00 -5.85
C TRP B 125 10.38 11.09 -7.02
N SER B 126 11.67 11.02 -7.33
CA SER B 126 12.13 10.09 -8.35
C SER B 126 11.80 8.65 -7.99
N LEU B 127 11.97 8.28 -6.72
CA LEU B 127 11.69 6.91 -6.32
C LEU B 127 10.23 6.56 -6.56
N LEU B 128 9.31 7.47 -6.19
CA LEU B 128 7.89 7.24 -6.43
C LEU B 128 7.63 6.93 -7.90
N LYS B 129 8.17 7.75 -8.79
CA LYS B 129 7.97 7.55 -10.22
C LYS B 129 8.50 6.21 -10.68
N GLU B 130 9.73 5.84 -10.27
CA GLU B 130 10.29 4.57 -10.70
C GLU B 130 9.52 3.39 -10.15
N LEU B 131 9.12 3.46 -8.88
CA LEU B 131 8.48 2.31 -8.27
C LEU B 131 7.11 2.05 -8.89
N ARG B 132 6.37 3.11 -9.23
CA ARG B 132 4.98 2.96 -9.67
C ARG B 132 4.89 2.13 -10.94
N ARG B 133 5.87 2.27 -11.84
CA ARG B 133 5.77 1.63 -13.14
C ARG B 133 6.26 0.19 -13.15
N ARG B 134 6.91 -0.29 -12.09
CA ARG B 134 7.46 -1.63 -12.08
C ARG B 134 6.59 -2.59 -11.26
N LYS B 135 6.75 -3.88 -11.54
CA LYS B 135 5.95 -4.90 -10.88
C LYS B 135 6.45 -5.28 -9.50
N VAL B 136 7.64 -4.84 -9.11
CA VAL B 136 8.17 -4.95 -7.75
C VAL B 136 8.17 -3.55 -7.15
N HIS B 137 7.60 -3.41 -5.95
CA HIS B 137 7.38 -2.12 -5.29
C HIS B 137 8.40 -1.86 -4.19
N MET B 138 9.63 -2.34 -4.37
CA MET B 138 10.66 -2.11 -3.39
C MET B 138 11.98 -1.98 -4.12
N ALA B 139 12.92 -1.28 -3.51
CA ALA B 139 14.25 -1.11 -4.10
C ALA B 139 15.29 -1.44 -3.06
N ILE B 140 16.43 -1.98 -3.50
CA ILE B 140 17.60 -2.13 -2.65
C ILE B 140 18.42 -0.84 -2.74
N VAL B 141 18.69 -0.23 -1.59
CA VAL B 141 19.44 1.01 -1.51
C VAL B 141 20.91 0.66 -1.35
N VAL B 142 21.76 1.30 -2.16
CA VAL B 142 23.18 0.95 -2.29
C VAL B 142 24.01 2.13 -1.84
N ASP B 143 25.05 1.87 -1.06
CA ASP B 143 25.86 2.97 -0.60
C ASP B 143 26.90 3.34 -1.64
N GLU B 144 27.74 4.31 -1.28
CA GLU B 144 28.57 4.94 -2.28
C GLU B 144 29.73 4.01 -2.69
N PHE B 145 29.94 2.91 -1.96
CA PHE B 145 30.96 1.94 -2.28
C PHE B 145 30.41 0.68 -2.90
N GLY B 146 29.13 0.64 -3.21
CA GLY B 146 28.55 -0.58 -3.75
C GLY B 146 27.96 -1.54 -2.74
N GLY B 147 28.04 -1.24 -1.44
CA GLY B 147 27.44 -2.10 -0.45
C GLY B 147 25.95 -1.88 -0.28
N THR B 148 25.32 -2.72 0.53
CA THR B 148 23.88 -2.58 0.77
C THR B 148 23.64 -1.55 1.88
N ALA B 149 22.95 -0.47 1.56
CA ALA B 149 22.61 0.50 2.60
C ALA B 149 21.29 0.17 3.28
N GLY B 150 20.39 -0.48 2.57
CA GLY B 150 19.10 -0.80 3.15
C GLY B 150 18.06 -1.11 2.08
N LEU B 151 16.80 -0.90 2.47
CA LEU B 151 15.59 -1.21 1.71
C LEU B 151 14.61 -0.07 1.78
N VAL B 152 13.92 0.15 0.67
CA VAL B 152 12.87 1.17 0.60
C VAL B 152 11.75 0.65 -0.29
N THR B 153 10.52 0.94 0.11
CA THR B 153 9.33 0.41 -0.56
C THR B 153 8.44 1.56 -1.02
N LEU B 154 7.57 1.25 -1.99
CA LEU B 154 6.54 2.20 -2.38
C LEU B 154 5.72 2.63 -1.16
N GLU B 155 5.41 1.69 -0.28
CA GLU B 155 4.69 2.04 0.94
C GLU B 155 5.41 3.12 1.76
N ASP B 156 6.75 3.02 1.85
CA ASP B 156 7.49 3.99 2.63
C ASP B 156 7.31 5.40 2.05
N VAL B 157 7.35 5.53 0.73
CA VAL B 157 7.11 6.82 0.09
C VAL B 157 5.68 7.26 0.33
N ILE B 158 4.70 6.36 0.12
CA ILE B 158 3.31 6.74 0.35
C ILE B 158 3.13 7.28 1.76
N GLU B 159 3.74 6.64 2.75
CA GLU B 159 3.60 7.07 4.13
C GLU B 159 4.17 8.47 4.35
N GLU B 160 5.19 8.86 3.57
CA GLU B 160 5.66 10.24 3.69
C GLU B 160 4.62 11.24 3.24
N ILE B 161 3.76 10.85 2.29
CA ILE B 161 2.69 11.74 1.85
C ILE B 161 1.52 11.74 2.83
N VAL B 162 0.97 10.57 3.16
CA VAL B 162 -0.28 10.52 3.89
C VAL B 162 -0.11 10.23 5.38
N GLY B 163 1.11 9.99 5.84
CA GLY B 163 1.32 9.50 7.20
C GLY B 163 1.21 7.99 7.27
N GLU B 164 1.48 7.46 8.47
CA GLU B 164 1.32 6.02 8.69
C GLU B 164 -0.16 5.68 8.85
N ILE B 165 -0.60 4.57 8.24
CA ILE B 165 -2.00 4.21 8.36
C ILE B 165 -2.20 2.90 9.14
N TYR B 166 -1.56 1.80 8.69
CA TYR B 166 -1.74 0.50 9.36
C TYR B 166 -0.68 -0.49 8.89
N ASP B 167 -0.28 -1.40 9.79
CA ASP B 167 0.87 -2.27 9.56
C ASP B 167 0.52 -3.75 9.47
N GLU B 168 0.07 -4.39 10.55
CA GLU B 168 0.16 -5.84 10.63
C GLU B 168 -1.19 -6.56 10.72
N THR B 169 -1.99 -6.27 11.74
CA THR B 169 -3.23 -7.02 11.97
C THR B 169 -4.42 -6.08 12.20
C1 GOL C . -23.68 -5.18 3.46
O1 GOL C . -22.99 -6.35 3.03
C2 GOL C . -23.88 -5.40 4.97
O2 GOL C . -24.34 -6.66 5.27
C3 GOL C . -24.77 -4.20 5.50
O3 GOL C . -26.09 -4.65 5.52
C1 GOL D . 24.49 2.73 -7.57
C2 GOL D . 23.34 2.05 -8.35
O2 GOL D . 22.20 2.06 -7.63
C3 GOL D . 23.82 0.60 -8.64
C1 GOL E . 24.58 -6.08 -5.25
O1 GOL E . 24.82 -5.06 -6.21
C2 GOL E . 24.80 -5.46 -3.83
O2 GOL E . 23.77 -5.77 -2.92
C3 GOL E . 24.83 -3.95 -4.05
O3 GOL E . 24.59 -3.45 -2.74
C1 GOL F . 12.40 4.25 13.44
O1 GOL F . 12.09 5.42 12.71
C2 GOL F . 11.12 3.40 13.49
O2 GOL F . 10.43 3.56 14.69
C3 GOL F . 11.59 1.95 13.27
O3 GOL F . 11.13 1.58 12.01
C1 GOL G . 7.12 8.32 14.34
O1 GOL G . 7.93 8.08 15.46
C2 GOL G . 7.51 9.71 13.85
O2 GOL G . 8.88 9.89 13.90
C3 GOL G . 6.97 9.79 12.41
O3 GOL G . 7.49 8.68 11.76
N1 EPE H . 7.22 4.43 10.00
C2 EPE H . 6.39 5.55 9.55
C3 EPE H . 7.31 6.75 9.27
N4 EPE H . 8.56 6.78 10.05
C5 EPE H . 8.87 5.80 11.08
C6 EPE H . 7.78 4.76 11.31
C7 EPE H . 9.59 7.72 9.64
C8 EPE H . 9.95 7.54 8.17
O8 EPE H . 11.25 8.03 7.92
C9 EPE H . 6.49 3.15 10.03
C10 EPE H . 6.89 2.33 8.80
S EPE H . 8.61 1.71 8.81
O1S EPE H . 9.38 2.26 7.69
O3S EPE H . 8.62 0.25 8.70
#